data_7X2X
#
_entry.id   7X2X
#
_cell.length_a   78.616
_cell.length_b   78.616
_cell.length_c   163.064
_cell.angle_alpha   90.000
_cell.angle_beta   90.000
_cell.angle_gamma   90.000
#
_symmetry.space_group_name_H-M   'P 43 21 2'
#
loop_
_entity.id
_entity.type
_entity.pdbx_description
1 polymer PycR1
2 branched alpha-D-mannopyranose-(1-2)-alpha-D-mannopyranose-(1-6)-[alpha-D-mannopyranose-(1-3)]alpha-D-mannopyranose-(1-6)-[beta-D-mannopyranose-(6-3)]beta-D-mannopyranose-(1-4)-2-acetamido-2-deoxy-beta-D-glucopyranose-(1-4)-2-acetamido-2-deoxy-beta-D-glucopyranose
3 branched alpha-D-mannopyranose-(1-3)-alpha-D-mannopyranose-(1-6)-beta-D-mannopyranose-(1-4)-2-acetamido-2-deoxy-beta-D-glucopyranose-(1-4)-2-acetamido-2-deoxy-beta-D-glucopyranose
4 non-polymer GLYCEROL
5 non-polymer (1R,2E,6E,9E)-2,5,5,9-tetramethylcycloundeca-2,6,9-trien-1-ol
6 non-polymer 'CALCIUM ION'
7 non-polymer 1,2-ETHANEDIOL
8 non-polymer 'CHLORIDE ION'
9 water water
#
_entity_poly.entity_id   1
_entity_poly.type   'polypeptide(L)'
_entity_poly.pdbx_seq_one_letter_code
;MGSSHHHHHHSSGLVPRGSHMKLLATAIAGLAIVGQPLASASPTARTDVKLPLPQRLLHDWANGSWVENISVRPNGNLLV
STSTPDGSVWQIKEPWKDQPEVELVYNFDQWVDRLIGIGETTPDKYVVVGSRFYSTDPMSSHVDRTFAAMELDFSGSANK
DKPAVRLIAWFPDAHLLQGVAALPWDRTKVLISDQYLLRPRAAPQKDWTPARGQVWTLDTVTGAHEVVFANDTALDTTYR
HGYDVGINGIKIRRDWLYWVNSDDGNIYRLKIDKTGHAVPPAKPEVVAFQDTIWDDFTFGPEHEDTIWATGFNAIFAASP
QGKVVTVNGVGTSDNGIMPGPTACAFGRSPHDRNILYVTGNMGEIPVDIEHVHLKGWVRAIDTTGFHF
;
_entity_poly.pdbx_strand_id   A
#
# COMPACT_ATOMS: atom_id res chain seq x y z
N VAL A 49 -4.22 -17.59 19.90
CA VAL A 49 -5.38 -18.08 19.16
C VAL A 49 -6.63 -17.41 19.72
N LYS A 50 -6.43 -16.60 20.73
CA LYS A 50 -7.46 -15.67 21.17
C LYS A 50 -7.55 -14.50 20.19
N LEU A 51 -8.76 -14.24 19.67
CA LEU A 51 -9.00 -13.06 18.84
C LEU A 51 -9.93 -12.09 19.58
N PRO A 52 -9.78 -10.77 19.36
CA PRO A 52 -8.81 -10.13 18.47
C PRO A 52 -7.40 -10.17 19.01
N LEU A 53 -6.42 -10.11 18.11
CA LEU A 53 -5.03 -10.16 18.48
C LEU A 53 -4.65 -8.89 19.24
N PRO A 54 -3.65 -8.97 20.12
CA PRO A 54 -3.23 -7.78 20.85
C PRO A 54 -2.74 -6.69 19.91
N GLN A 55 -3.08 -5.45 20.22
CA GLN A 55 -2.64 -4.33 19.39
C GLN A 55 -2.33 -3.13 20.27
N ARG A 56 -1.52 -2.22 19.74
CA ARG A 56 -1.22 -0.96 20.41
C ARG A 56 -0.99 0.13 19.38
N LEU A 57 -1.16 1.37 19.84
CA LEU A 57 -0.90 2.53 18.99
C LEU A 57 0.57 2.94 19.10
N LEU A 58 1.22 3.21 17.94
CA LEU A 58 2.57 3.77 17.92
C LEU A 58 2.57 5.28 17.80
N HIS A 59 1.72 5.83 16.93
CA HIS A 59 1.74 7.27 16.69
C HIS A 59 0.50 7.67 15.93
N ASP A 60 -0.05 8.85 16.28
CA ASP A 60 -1.09 9.55 15.52
C ASP A 60 -0.47 10.79 14.90
N TRP A 61 -0.82 11.06 13.64
CA TRP A 61 -0.56 12.35 13.04
C TRP A 61 -1.74 13.30 13.29
N ALA A 62 -1.69 14.50 12.73
CA ALA A 62 -2.72 15.51 12.99
C ALA A 62 -4.00 15.23 12.19
N ASN A 63 -5.10 15.83 12.65
CA ASN A 63 -6.30 15.77 11.83
C ASN A 63 -5.99 16.24 10.40
N GLY A 64 -6.60 15.56 9.41
CA GLY A 64 -6.41 15.91 8.01
C GLY A 64 -5.34 15.10 7.31
N SER A 65 -4.54 14.36 8.05
CA SER A 65 -3.43 13.58 7.51
C SER A 65 -3.87 12.16 7.13
N TRP A 66 -3.01 11.49 6.35
CA TRP A 66 -3.39 10.23 5.71
C TRP A 66 -2.08 9.46 5.50
N VAL A 67 -1.91 8.35 6.22
CA VAL A 67 -0.73 7.48 6.02
C VAL A 67 -1.21 6.35 5.10
N GLU A 68 -0.53 6.20 3.97
CA GLU A 68 -1.02 5.38 2.87
C GLU A 68 -0.29 4.05 2.69
N ASN A 69 1.01 3.95 2.99
CA ASN A 69 1.67 2.67 2.81
C ASN A 69 2.93 2.63 3.68
N ILE A 70 3.59 1.46 3.66
CA ILE A 70 4.67 1.17 4.60
C ILE A 70 5.67 0.22 3.97
N SER A 71 6.95 0.49 4.25
CA SER A 71 8.06 -0.42 3.98
C SER A 71 8.90 -0.47 5.25
N VAL A 72 9.33 -1.66 5.64
CA VAL A 72 10.19 -1.82 6.82
C VAL A 72 11.64 -1.93 6.35
N ARG A 73 12.53 -1.16 6.97
CA ARG A 73 13.93 -1.18 6.60
C ARG A 73 14.61 -2.44 7.13
N PRO A 74 15.75 -2.81 6.56
CA PRO A 74 16.48 -3.96 7.13
C PRO A 74 16.79 -3.76 8.60
N ASN A 75 17.03 -2.53 9.05
CA ASN A 75 17.28 -2.30 10.47
C ASN A 75 16.02 -2.32 11.33
N GLY A 76 14.83 -2.57 10.75
CA GLY A 76 13.61 -2.66 11.53
C GLY A 76 12.80 -1.38 11.64
N ASN A 77 13.36 -0.23 11.27
CA ASN A 77 12.59 1.00 11.31
C ASN A 77 11.50 0.96 10.24
N LEU A 78 10.40 1.66 10.53
CA LEU A 78 9.32 1.78 9.54
C LEU A 78 9.48 3.03 8.71
N LEU A 79 9.26 2.90 7.39
CA LEU A 79 9.13 4.04 6.51
C LEU A 79 7.69 4.08 6.01
N VAL A 80 6.99 5.18 6.27
CA VAL A 80 5.59 5.27 5.85
C VAL A 80 5.42 6.47 4.91
N SER A 81 4.59 6.28 3.88
CA SER A 81 4.30 7.34 2.92
C SER A 81 2.97 7.99 3.28
N THR A 82 2.90 9.31 3.16
CA THR A 82 1.65 10.02 3.41
C THR A 82 1.08 10.62 2.13
N SER A 83 -0.24 10.69 2.12
CA SER A 83 -0.99 11.31 1.03
C SER A 83 -1.35 12.77 1.35
N THR A 84 -1.74 13.07 2.60
CA THR A 84 -2.11 14.41 3.03
C THR A 84 -1.50 14.59 4.42
N PRO A 85 -1.22 15.85 4.83
CA PRO A 85 -1.45 17.10 4.09
C PRO A 85 -0.39 17.34 3.04
N ASP A 86 0.63 16.49 3.00
CA ASP A 86 1.68 16.61 1.99
C ASP A 86 2.15 15.20 1.67
N GLY A 87 2.94 15.10 0.60
CA GLY A 87 3.43 13.81 0.16
C GLY A 87 4.83 13.59 0.72
N SER A 88 4.93 12.89 1.84
CA SER A 88 6.17 12.79 2.60
C SER A 88 6.42 11.35 2.98
N VAL A 89 7.68 11.03 3.30
CA VAL A 89 8.02 9.78 3.95
C VAL A 89 8.46 10.13 5.36
N TRP A 90 7.86 9.43 6.33
CA TRP A 90 8.20 9.57 7.75
C TRP A 90 8.85 8.26 8.18
N GLN A 91 9.73 8.35 9.18
CA GLN A 91 10.39 7.15 9.72
C GLN A 91 9.98 6.98 11.16
N ILE A 92 9.56 5.77 11.52
CA ILE A 92 9.33 5.41 12.91
C ILE A 92 10.53 4.57 13.32
N LYS A 93 11.38 5.14 14.17
CA LYS A 93 12.64 4.50 14.55
C LYS A 93 12.37 3.55 15.72
N GLU A 94 12.91 2.34 15.61
CA GLU A 94 12.84 1.34 16.67
C GLU A 94 11.38 1.16 17.11
N PRO A 95 10.52 0.71 16.19
CA PRO A 95 9.07 0.74 16.44
C PRO A 95 8.58 -0.16 17.56
N TRP A 96 9.43 -1.09 18.04
CA TRP A 96 9.10 -1.93 19.18
C TRP A 96 9.11 -1.17 20.50
N LYS A 97 9.63 0.06 20.54
CA LYS A 97 9.54 0.91 21.74
C LYS A 97 8.08 1.23 22.04
N ASP A 98 7.77 1.41 23.33
CA ASP A 98 6.45 1.92 23.71
C ASP A 98 6.15 3.24 23.03
N GLN A 99 7.14 4.13 22.92
CA GLN A 99 7.00 5.49 22.43
C GLN A 99 8.15 5.76 21.46
N PRO A 100 8.07 5.21 20.25
CA PRO A 100 9.18 5.39 19.30
C PRO A 100 9.22 6.79 18.73
N GLU A 101 10.42 7.22 18.37
CA GLU A 101 10.61 8.51 17.70
C GLU A 101 10.02 8.43 16.29
N VAL A 102 9.36 9.51 15.89
CA VAL A 102 8.73 9.60 14.57
C VAL A 102 9.26 10.88 13.92
N GLU A 103 9.93 10.76 12.79
CA GLU A 103 10.67 11.88 12.23
C GLU A 103 10.39 11.99 10.74
N LEU A 104 10.29 13.22 10.22
CA LEU A 104 10.14 13.41 8.79
C LEU A 104 11.44 13.05 8.08
N VAL A 105 11.35 12.21 7.05
CA VAL A 105 12.49 11.90 6.21
C VAL A 105 12.60 12.89 5.06
N TYR A 106 11.48 13.08 4.32
CA TYR A 106 11.56 13.92 3.14
C TYR A 106 10.15 14.26 2.69
N ASN A 107 9.93 15.53 2.37
CA ASN A 107 8.69 16.02 1.73
C ASN A 107 9.00 16.15 0.24
N PHE A 108 8.23 15.43 -0.60
CA PHE A 108 8.45 15.36 -2.05
C PHE A 108 7.73 16.43 -2.84
N ASP A 109 7.41 17.56 -2.18
CA ASP A 109 6.73 18.70 -2.80
C ASP A 109 7.37 19.16 -4.12
N GLN A 110 8.70 19.07 -4.28
CA GLN A 110 9.31 19.48 -5.54
C GLN A 110 8.60 18.86 -6.75
N TRP A 111 8.15 17.60 -6.61
CA TRP A 111 7.55 16.86 -7.71
C TRP A 111 6.07 16.53 -7.51
N VAL A 112 5.58 16.41 -6.27
CA VAL A 112 4.24 15.83 -6.06
C VAL A 112 3.58 16.48 -4.84
N ASP A 113 2.26 16.47 -4.84
CA ASP A 113 1.46 16.91 -3.70
C ASP A 113 1.16 15.79 -2.73
N ARG A 114 1.08 14.53 -3.24
CA ARG A 114 0.74 13.37 -2.44
C ARG A 114 1.63 12.21 -2.84
N LEU A 115 1.99 11.36 -1.87
CA LEU A 115 2.52 10.04 -2.16
C LEU A 115 1.42 9.01 -2.00
N ILE A 116 1.55 7.92 -2.76
CA ILE A 116 0.65 6.79 -2.59
C ILE A 116 1.54 5.64 -2.06
N GLY A 117 1.96 4.70 -2.91
CA GLY A 117 2.68 3.53 -2.41
C GLY A 117 4.20 3.75 -2.24
N ILE A 118 4.79 2.80 -1.50
CA ILE A 118 6.24 2.72 -1.28
C ILE A 118 6.62 1.24 -1.41
N GLY A 119 7.82 0.98 -1.95
CA GLY A 119 8.33 -0.39 -1.91
C GLY A 119 9.85 -0.44 -1.97
N GLU A 120 10.44 -1.39 -1.25
CA GLU A 120 11.89 -1.52 -1.26
C GLU A 120 12.35 -2.14 -2.58
N THR A 121 13.51 -1.68 -3.06
CA THR A 121 14.11 -2.25 -4.26
C THR A 121 15.31 -3.11 -3.84
N THR A 122 16.51 -2.66 -4.18
CA THR A 122 17.70 -3.28 -3.62
C THR A 122 17.81 -2.87 -2.16
N PRO A 123 18.67 -3.49 -1.36
CA PRO A 123 18.55 -3.28 0.09
C PRO A 123 18.68 -1.83 0.52
N ASP A 124 17.65 -1.36 1.26
CA ASP A 124 17.60 0.00 1.81
C ASP A 124 17.57 1.09 0.73
N LYS A 125 17.03 0.75 -0.44
CA LYS A 125 16.55 1.76 -1.38
C LYS A 125 15.06 1.53 -1.56
N TYR A 126 14.32 2.64 -1.82
CA TYR A 126 12.85 2.58 -1.86
C TYR A 126 12.34 3.44 -3.00
N VAL A 127 11.30 2.94 -3.66
CA VAL A 127 10.57 3.71 -4.66
C VAL A 127 9.26 4.17 -4.03
N VAL A 128 8.94 5.45 -4.22
CA VAL A 128 7.62 5.97 -3.87
C VAL A 128 6.99 6.53 -5.14
N VAL A 129 5.66 6.50 -5.20
CA VAL A 129 4.94 7.08 -6.34
C VAL A 129 3.99 8.16 -5.82
N GLY A 130 3.72 9.14 -6.67
CA GLY A 130 2.81 10.21 -6.27
C GLY A 130 2.50 11.14 -7.43
N SER A 131 1.71 12.17 -7.13
CA SER A 131 1.23 13.07 -8.18
C SER A 131 0.77 14.38 -7.55
N ARG A 132 0.37 15.31 -8.40
CA ARG A 132 -0.37 16.46 -7.90
C ARG A 132 -1.83 16.07 -7.71
N PHE A 133 -2.49 16.73 -6.76
CA PHE A 133 -3.92 16.49 -6.46
C PHE A 133 -4.63 17.82 -6.39
N TYR A 134 -5.90 17.84 -6.82
CA TYR A 134 -6.62 19.10 -6.87
C TYR A 134 -6.75 19.79 -5.52
N SER A 135 -6.87 19.02 -4.43
CA SER A 135 -6.94 19.61 -3.08
C SER A 135 -6.54 18.56 -2.07
N THR A 136 -6.46 18.99 -0.79
CA THR A 136 -6.21 18.05 0.30
C THR A 136 -7.48 17.40 0.82
N ASP A 137 -8.64 17.65 0.19
CA ASP A 137 -9.87 17.02 0.66
C ASP A 137 -9.75 15.51 0.56
N PRO A 138 -10.33 14.75 1.49
CA PRO A 138 -10.32 13.29 1.36
C PRO A 138 -10.85 12.80 0.03
N MET A 139 -11.80 13.49 -0.59
CA MET A 139 -12.35 13.00 -1.84
C MET A 139 -11.65 13.59 -3.06
N SER A 140 -10.56 14.35 -2.89
CA SER A 140 -9.96 14.98 -4.07
C SER A 140 -9.51 13.94 -5.10
N SER A 141 -9.70 14.29 -6.36
CA SER A 141 -9.11 13.51 -7.46
C SER A 141 -7.68 13.96 -7.68
N HIS A 142 -6.89 13.06 -8.30
CA HIS A 142 -5.56 13.43 -8.73
C HIS A 142 -5.63 14.36 -9.94
N VAL A 143 -4.51 15.03 -10.26
CA VAL A 143 -4.46 15.84 -11.48
C VAL A 143 -3.87 14.95 -12.56
N ASP A 144 -4.63 14.72 -13.62
CA ASP A 144 -4.18 13.82 -14.68
C ASP A 144 -2.84 14.29 -15.25
N ARG A 145 -1.99 13.28 -15.57
CA ARG A 145 -0.69 13.43 -16.21
C ARG A 145 0.38 13.93 -15.26
N THR A 146 0.16 13.94 -13.93
CA THR A 146 1.19 14.43 -13.03
C THR A 146 1.83 13.33 -12.19
N PHE A 147 1.65 12.04 -12.52
CA PHE A 147 2.27 11.01 -11.70
C PHE A 147 3.77 10.89 -11.95
N ALA A 148 4.47 10.49 -10.89
CA ALA A 148 5.92 10.35 -10.88
C ALA A 148 6.32 9.20 -9.98
N ALA A 149 7.54 8.69 -10.22
CA ALA A 149 8.21 7.76 -9.31
C ALA A 149 9.53 8.38 -8.86
N MET A 150 9.80 8.30 -7.56
CA MET A 150 10.97 8.88 -6.91
C MET A 150 11.64 7.81 -6.05
N GLU A 151 12.92 8.05 -5.74
CA GLU A 151 13.72 7.08 -4.97
C GLU A 151 14.24 7.71 -3.69
N LEU A 152 14.23 6.92 -2.62
CA LEU A 152 14.99 7.23 -1.41
C LEU A 152 16.08 6.17 -1.28
N ASP A 153 17.34 6.62 -1.20
CA ASP A 153 18.50 5.73 -1.15
C ASP A 153 19.16 5.89 0.21
N PHE A 154 18.99 4.90 1.08
CA PHE A 154 19.64 4.87 2.38
C PHE A 154 20.90 4.04 2.37
N SER A 155 21.30 3.52 1.22
CA SER A 155 22.41 2.56 1.16
C SER A 155 23.75 3.29 1.22
N GLY A 156 24.72 2.64 1.85
CA GLY A 156 26.04 3.22 1.97
C GLY A 156 26.18 4.10 3.20
N SER A 157 27.44 4.32 3.59
CA SER A 157 27.74 5.04 4.83
C SER A 157 27.22 6.46 4.78
N ALA A 158 27.33 7.13 3.62
CA ALA A 158 26.92 8.52 3.50
C ALA A 158 25.40 8.69 3.65
N ASN A 159 24.63 7.65 3.30
CA ASN A 159 23.18 7.77 3.19
C ASN A 159 22.40 7.05 4.30
N LYS A 160 23.07 6.31 5.20
CA LYS A 160 22.35 5.36 6.06
C LYS A 160 21.36 6.05 7.00
N ASP A 161 21.60 7.31 7.33
CA ASP A 161 20.67 8.06 8.17
C ASP A 161 19.86 9.08 7.39
N LYS A 162 20.52 9.89 6.55
CA LYS A 162 19.81 10.84 5.69
C LYS A 162 19.93 10.37 4.26
N PRO A 163 18.85 9.94 3.62
CA PRO A 163 18.97 9.32 2.32
C PRO A 163 19.14 10.34 1.21
N ALA A 164 19.68 9.85 0.10
CA ALA A 164 19.74 10.61 -1.14
C ALA A 164 18.43 10.38 -1.88
N VAL A 165 17.80 11.46 -2.34
CA VAL A 165 16.47 11.37 -2.96
C VAL A 165 16.55 11.90 -4.39
N ARG A 166 15.86 11.24 -5.32
CA ARG A 166 15.86 11.67 -6.70
C ARG A 166 14.54 11.31 -7.39
N LEU A 167 14.27 12.01 -8.48
CA LEU A 167 13.19 11.66 -9.40
C LEU A 167 13.68 10.57 -10.34
N ILE A 168 12.95 9.46 -10.40
CA ILE A 168 13.28 8.39 -11.33
C ILE A 168 12.66 8.62 -12.69
N ALA A 169 11.34 8.85 -12.76
CA ALA A 169 10.68 8.98 -14.04
C ALA A 169 9.32 9.62 -13.87
N TRP A 170 8.92 10.34 -14.91
CA TRP A 170 7.55 10.85 -15.02
C TRP A 170 6.67 9.78 -15.68
N PHE A 171 5.41 9.70 -15.25
CA PHE A 171 4.45 8.76 -15.81
C PHE A 171 3.20 9.52 -16.28
N PRO A 172 3.33 10.41 -17.28
CA PRO A 172 2.16 11.22 -17.66
C PRO A 172 1.03 10.41 -18.24
N ASP A 173 1.31 9.24 -18.82
CA ASP A 173 0.24 8.45 -19.40
C ASP A 173 -0.40 7.46 -18.43
N ALA A 174 0.14 7.33 -17.22
CA ALA A 174 -0.50 6.52 -16.20
C ALA A 174 -1.80 7.19 -15.73
N HIS A 175 -2.62 6.43 -15.02
CA HIS A 175 -3.82 7.02 -14.42
C HIS A 175 -3.58 7.31 -12.95
N LEU A 176 -3.48 6.30 -12.08
CA LEU A 176 -3.10 6.56 -10.69
C LEU A 176 -2.18 5.45 -10.23
N LEU A 177 -0.90 5.76 -10.08
CA LEU A 177 0.03 4.75 -9.55
C LEU A 177 -0.29 4.49 -8.07
N GLN A 178 -0.26 3.22 -7.67
CA GLN A 178 -0.82 2.81 -6.40
C GLN A 178 0.19 2.02 -5.57
N GLY A 179 0.47 0.76 -5.92
CA GLY A 179 1.32 -0.12 -5.13
C GLY A 179 2.60 -0.45 -5.88
N VAL A 180 3.68 -0.66 -5.12
CA VAL A 180 5.03 -0.86 -5.66
C VAL A 180 5.59 -2.18 -5.12
N ALA A 181 6.09 -3.04 -6.02
CA ALA A 181 6.76 -4.25 -5.51
C ALA A 181 7.93 -4.61 -6.42
N ALA A 182 9.10 -4.88 -5.83
CA ALA A 182 10.27 -5.23 -6.61
C ALA A 182 10.20 -6.67 -7.10
N LEU A 183 10.75 -6.89 -8.30
CA LEU A 183 10.94 -8.25 -8.79
C LEU A 183 11.99 -8.91 -7.91
N PRO A 184 11.67 -10.01 -7.22
CA PRO A 184 12.63 -10.56 -6.24
C PRO A 184 13.90 -11.06 -6.88
N TRP A 185 13.85 -11.44 -8.15
CA TRP A 185 15.01 -11.92 -8.87
C TRP A 185 15.76 -10.81 -9.60
N ASP A 186 15.30 -9.56 -9.50
CA ASP A 186 15.89 -8.46 -10.24
C ASP A 186 15.43 -7.18 -9.58
N ARG A 187 15.96 -6.88 -8.39
CA ARG A 187 15.30 -5.95 -7.48
C ARG A 187 15.45 -4.50 -7.87
N THR A 188 16.27 -4.18 -8.89
CA THR A 188 16.29 -2.81 -9.40
C THR A 188 15.05 -2.52 -10.23
N LYS A 189 14.23 -3.52 -10.54
CA LYS A 189 12.98 -3.31 -11.28
C LYS A 189 11.81 -3.52 -10.34
N VAL A 190 10.75 -2.70 -10.53
CA VAL A 190 9.54 -2.84 -9.73
C VAL A 190 8.35 -2.97 -10.66
N LEU A 191 7.32 -3.65 -10.19
CA LEU A 191 6.00 -3.52 -10.76
C LEU A 191 5.22 -2.47 -9.97
N ILE A 192 4.33 -1.78 -10.67
CA ILE A 192 3.53 -0.70 -10.05
C ILE A 192 2.09 -0.85 -10.53
N SER A 193 1.16 -1.03 -9.60
CA SER A 193 -0.25 -1.10 -10.02
C SER A 193 -0.79 0.31 -10.32
N ASP A 194 -1.82 0.37 -11.17
CA ASP A 194 -2.31 1.66 -11.68
C ASP A 194 -3.81 1.53 -11.93
N GLN A 195 -4.63 2.23 -11.13
CA GLN A 195 -6.06 2.35 -11.45
C GLN A 195 -6.70 3.45 -10.62
N TYR A 196 -7.49 4.33 -11.28
CA TYR A 196 -8.48 5.21 -10.66
C TYR A 196 -9.21 5.90 -11.82
N LEU A 197 -9.75 7.10 -11.59
CA LEU A 197 -10.59 7.77 -12.58
C LEU A 197 -9.85 8.03 -13.89
N LEU A 198 -10.57 7.82 -15.01
CA LEU A 198 -10.04 8.15 -16.32
C LEU A 198 -9.97 9.66 -16.53
N ARG A 199 -10.94 10.40 -15.99
CA ARG A 199 -11.03 11.84 -16.20
C ARG A 199 -11.14 12.55 -14.84
N PRO A 200 -10.08 12.52 -14.04
CA PRO A 200 -10.11 13.20 -12.72
C PRO A 200 -10.18 14.70 -12.91
N ARG A 201 -11.00 15.35 -12.08
CA ARG A 201 -11.21 16.80 -12.21
C ARG A 201 -11.34 17.44 -10.83
N ALA A 202 -11.29 18.78 -10.85
CA ALA A 202 -11.57 19.56 -9.65
C ALA A 202 -13.00 19.29 -9.17
N ALA A 203 -13.18 19.28 -7.87
CA ALA A 203 -14.52 19.06 -7.32
C ALA A 203 -15.48 20.11 -7.87
N PRO A 204 -16.73 19.75 -8.14
CA PRO A 204 -17.29 18.41 -7.91
C PRO A 204 -17.00 17.44 -9.05
N GLN A 205 -16.46 16.27 -8.69
CA GLN A 205 -16.27 15.20 -9.66
C GLN A 205 -17.64 14.68 -10.06
N LYS A 206 -17.91 14.65 -11.35
CA LYS A 206 -19.22 14.22 -11.86
C LYS A 206 -19.12 13.03 -12.80
N ASP A 207 -18.09 12.95 -13.63
CA ASP A 207 -17.85 11.82 -14.50
C ASP A 207 -16.89 10.91 -13.75
N TRP A 208 -17.42 9.83 -13.22
CA TRP A 208 -16.65 8.88 -12.42
C TRP A 208 -16.17 7.69 -13.27
N THR A 209 -16.15 7.82 -14.60
CA THR A 209 -15.67 6.71 -15.45
C THR A 209 -14.35 6.17 -14.93
N PRO A 210 -14.26 4.87 -14.59
CA PRO A 210 -12.97 4.34 -14.11
C PRO A 210 -12.09 3.94 -15.28
N ALA A 211 -10.79 4.26 -15.17
CA ALA A 211 -9.86 3.71 -16.15
C ALA A 211 -9.69 2.21 -15.90
N ARG A 212 -9.46 1.45 -16.97
CA ARG A 212 -9.20 0.03 -16.74
C ARG A 212 -7.86 -0.09 -16.01
N GLY A 213 -7.80 -1.00 -15.03
CA GLY A 213 -6.57 -1.18 -14.27
C GLY A 213 -5.44 -1.76 -15.11
N GLN A 214 -4.21 -1.50 -14.67
CA GLN A 214 -3.05 -2.03 -15.38
C GLN A 214 -1.87 -2.06 -14.42
N VAL A 215 -0.79 -2.70 -14.86
CA VAL A 215 0.41 -2.89 -14.05
C VAL A 215 1.60 -2.49 -14.90
N TRP A 216 2.44 -1.59 -14.38
CA TRP A 216 3.66 -1.11 -15.03
C TRP A 216 4.86 -1.90 -14.52
N THR A 217 5.90 -1.94 -15.36
CA THR A 217 7.26 -2.19 -14.89
C THR A 217 8.04 -0.88 -14.97
N LEU A 218 8.93 -0.70 -14.00
CA LEU A 218 9.81 0.46 -13.97
C LEU A 218 11.22 -0.05 -13.67
N ASP A 219 12.17 0.29 -14.54
CA ASP A 219 13.59 0.02 -14.32
C ASP A 219 14.19 1.20 -13.58
N THR A 220 14.53 1.01 -12.29
CA THR A 220 15.01 2.17 -11.54
C THR A 220 16.44 2.56 -11.90
N VAL A 221 17.16 1.75 -12.67
CA VAL A 221 18.47 2.17 -13.15
C VAL A 221 18.32 3.16 -14.29
N THR A 222 17.50 2.81 -15.30
CA THR A 222 17.40 3.61 -16.52
C THR A 222 16.21 4.54 -16.56
N GLY A 223 15.23 4.35 -15.68
CA GLY A 223 13.99 5.07 -15.80
C GLY A 223 12.99 4.50 -16.79
N ALA A 224 13.37 3.48 -17.56
CA ALA A 224 12.45 2.96 -18.56
C ALA A 224 11.23 2.34 -17.89
N HIS A 225 10.06 2.58 -18.48
CA HIS A 225 8.84 2.00 -17.93
C HIS A 225 7.85 1.72 -19.05
N GLU A 226 7.01 0.74 -18.81
CA GLU A 226 5.99 0.33 -19.77
C GLU A 226 4.93 -0.52 -19.05
N VAL A 227 3.76 -0.60 -19.66
CA VAL A 227 2.70 -1.45 -19.10
C VAL A 227 2.97 -2.91 -19.46
N VAL A 228 2.92 -3.78 -18.46
CA VAL A 228 3.19 -5.21 -18.65
C VAL A 228 1.95 -6.10 -18.50
N PHE A 229 0.86 -5.61 -17.93
CA PHE A 229 -0.36 -6.41 -17.81
C PHE A 229 -1.52 -5.43 -17.72
N ALA A 230 -2.58 -5.70 -18.48
CA ALA A 230 -3.72 -4.77 -18.54
C ALA A 230 -4.95 -5.50 -19.07
N ASN A 231 -6.08 -4.80 -19.00
CA ASN A 231 -7.30 -5.21 -19.70
C ASN A 231 -7.82 -6.57 -19.21
N ASP A 232 -8.00 -6.66 -17.89
CA ASP A 232 -8.60 -7.81 -17.24
C ASP A 232 -9.51 -7.29 -16.14
N THR A 233 -10.73 -7.84 -16.03
CA THR A 233 -11.63 -7.27 -15.05
C THR A 233 -11.16 -7.47 -13.62
N ALA A 234 -10.21 -8.38 -13.38
CA ALA A 234 -9.67 -8.50 -12.03
C ALA A 234 -8.88 -7.27 -11.63
N LEU A 235 -8.56 -6.39 -12.57
CA LEU A 235 -7.86 -5.13 -12.33
C LEU A 235 -8.81 -3.94 -12.18
N ASP A 236 -10.12 -4.14 -12.42
CA ASP A 236 -11.06 -3.06 -12.68
C ASP A 236 -12.03 -2.87 -11.52
N THR A 237 -12.71 -1.72 -11.51
CA THR A 237 -13.82 -1.53 -10.59
C THR A 237 -15.07 -1.18 -11.40
N THR A 238 -16.23 -1.63 -10.87
CA THR A 238 -17.54 -1.18 -11.33
C THR A 238 -18.31 -0.48 -10.20
N TYR A 239 -17.59 -0.06 -9.14
CA TYR A 239 -18.16 0.65 -8.00
C TYR A 239 -19.23 -0.17 -7.27
N ARG A 240 -19.08 -1.50 -7.31
CA ARG A 240 -19.87 -2.36 -6.43
C ARG A 240 -19.71 -1.98 -4.97
N HIS A 241 -18.50 -1.52 -4.57
CA HIS A 241 -18.24 -1.06 -3.21
C HIS A 241 -18.27 0.47 -3.11
N GLY A 242 -18.96 1.16 -4.00
CA GLY A 242 -18.93 2.61 -3.98
C GLY A 242 -17.66 3.09 -4.68
N TYR A 243 -17.48 4.40 -4.71
CA TYR A 243 -16.34 4.94 -5.46
C TYR A 243 -15.06 4.47 -4.78
N ASP A 244 -14.12 4.00 -5.58
CA ASP A 244 -12.97 3.22 -5.08
C ASP A 244 -12.03 2.97 -6.24
N VAL A 245 -11.03 2.11 -6.01
CA VAL A 245 -10.19 1.59 -7.09
C VAL A 245 -10.50 0.11 -7.35
N GLY A 246 -9.90 -0.40 -8.44
CA GLY A 246 -9.90 -1.84 -8.75
C GLY A 246 -8.66 -2.47 -8.11
N ILE A 247 -7.65 -2.75 -8.92
CA ILE A 247 -6.40 -3.24 -8.34
C ILE A 247 -5.86 -2.17 -7.41
N ASN A 248 -5.44 -2.60 -6.22
CA ASN A 248 -4.91 -1.70 -5.21
C ASN A 248 -3.50 -2.19 -4.86
N GLY A 249 -3.28 -2.74 -3.66
CA GLY A 249 -1.94 -3.17 -3.29
C GLY A 249 -1.48 -4.39 -4.09
N ILE A 250 -0.15 -4.49 -4.25
CA ILE A 250 0.50 -5.63 -4.91
C ILE A 250 1.65 -6.15 -4.06
N LYS A 251 1.93 -7.46 -4.22
CA LYS A 251 3.17 -8.07 -3.73
C LYS A 251 3.58 -9.13 -4.73
N ILE A 252 4.88 -9.46 -4.76
CA ILE A 252 5.37 -10.53 -5.61
C ILE A 252 5.95 -11.62 -4.70
N ARG A 253 5.53 -12.86 -4.94
CA ARG A 253 6.03 -14.00 -4.15
C ARG A 253 6.34 -15.12 -5.12
N ARG A 254 7.57 -15.63 -5.09
CA ARG A 254 8.03 -16.61 -6.09
C ARG A 254 7.80 -16.01 -7.47
N ASP A 255 7.15 -16.70 -8.40
CA ASP A 255 6.88 -16.15 -9.72
C ASP A 255 5.42 -15.76 -9.87
N TRP A 256 4.82 -15.27 -8.78
CA TRP A 256 3.41 -14.86 -8.74
C TRP A 256 3.31 -13.38 -8.40
N LEU A 257 2.55 -12.63 -9.20
CA LEU A 257 2.11 -11.30 -8.80
C LEU A 257 0.78 -11.46 -8.07
N TYR A 258 0.72 -11.01 -6.81
CA TYR A 258 -0.51 -11.03 -6.02
C TYR A 258 -1.04 -9.62 -5.94
N TRP A 259 -2.36 -9.47 -5.95
CA TRP A 259 -2.96 -8.15 -5.66
C TRP A 259 -4.31 -8.31 -4.99
N VAL A 260 -4.78 -7.20 -4.38
CA VAL A 260 -6.16 -7.15 -3.91
C VAL A 260 -6.93 -6.23 -4.84
N ASN A 261 -8.21 -6.52 -5.00
CA ASN A 261 -9.14 -5.66 -5.74
C ASN A 261 -10.10 -5.06 -4.73
N SER A 262 -10.21 -3.72 -4.73
CA SER A 262 -10.97 -3.04 -3.69
C SER A 262 -12.47 -3.08 -3.94
N ASP A 263 -12.88 -3.55 -5.11
CA ASP A 263 -14.28 -3.50 -5.49
C ASP A 263 -14.98 -4.85 -5.50
N ASP A 264 -14.29 -5.97 -5.75
CA ASP A 264 -14.98 -7.23 -6.01
C ASP A 264 -14.75 -8.27 -4.92
N GLY A 265 -14.08 -7.91 -3.83
CA GLY A 265 -13.86 -8.81 -2.71
C GLY A 265 -12.75 -9.84 -2.88
N ASN A 266 -12.05 -9.85 -4.01
CA ASN A 266 -11.10 -10.90 -4.34
C ASN A 266 -9.66 -10.49 -4.12
N ILE A 267 -8.88 -11.43 -3.61
CA ILE A 267 -7.42 -11.41 -3.67
C ILE A 267 -7.02 -12.32 -4.82
N TYR A 268 -6.16 -11.82 -5.70
CA TYR A 268 -5.80 -12.48 -6.95
C TYR A 268 -4.32 -12.80 -6.99
N ARG A 269 -3.95 -13.79 -7.82
CA ARG A 269 -2.56 -13.91 -8.21
C ARG A 269 -2.45 -14.27 -9.67
N LEU A 270 -1.28 -13.98 -10.24
CA LEU A 270 -1.03 -14.15 -11.66
C LEU A 270 0.40 -14.66 -11.87
N LYS A 271 0.54 -15.76 -12.62
CA LYS A 271 1.86 -16.26 -12.95
C LYS A 271 2.57 -15.32 -13.89
N ILE A 272 3.78 -14.89 -13.54
CA ILE A 272 4.49 -13.90 -14.33
C ILE A 272 5.86 -14.43 -14.73
N ASP A 273 6.36 -13.94 -15.87
CA ASP A 273 7.69 -14.30 -16.34
C ASP A 273 8.70 -13.33 -15.73
N LYS A 274 9.94 -13.39 -16.22
CA LYS A 274 11.03 -12.67 -15.60
C LYS A 274 10.95 -11.16 -15.79
N THR A 275 10.10 -10.66 -16.70
CA THR A 275 9.97 -9.22 -16.90
C THR A 275 8.64 -8.69 -16.40
N GLY A 276 7.86 -9.51 -15.70
CA GLY A 276 6.58 -9.10 -15.15
C GLY A 276 5.39 -9.36 -16.04
N HIS A 277 5.59 -9.92 -17.23
CA HIS A 277 4.47 -10.22 -18.10
C HIS A 277 3.82 -11.53 -17.70
N ALA A 278 2.53 -11.64 -17.96
CA ALA A 278 1.84 -12.85 -17.60
C ALA A 278 2.33 -14.01 -18.45
N VAL A 279 2.44 -15.17 -17.85
CA VAL A 279 2.65 -16.40 -18.61
C VAL A 279 1.32 -16.80 -19.25
N PRO A 280 1.27 -17.09 -20.55
CA PRO A 280 0.01 -17.52 -21.17
C PRO A 280 -0.54 -18.75 -20.48
N PRO A 281 -1.86 -18.86 -20.29
CA PRO A 281 -2.94 -18.02 -20.81
C PRO A 281 -3.24 -16.71 -20.07
N ALA A 282 -2.37 -16.31 -19.12
CA ALA A 282 -2.48 -15.00 -18.47
C ALA A 282 -3.82 -14.81 -17.75
N LYS A 283 -4.24 -15.83 -17.00
CA LYS A 283 -5.51 -15.70 -16.29
C LYS A 283 -5.29 -15.53 -14.80
N PRO A 284 -5.77 -14.43 -14.22
CA PRO A 284 -5.74 -14.29 -12.75
C PRO A 284 -6.53 -15.39 -12.04
N GLU A 285 -6.02 -15.77 -10.88
CA GLU A 285 -6.61 -16.82 -10.06
C GLU A 285 -7.06 -16.21 -8.74
N VAL A 286 -8.29 -16.49 -8.32
CA VAL A 286 -8.78 -16.01 -7.03
C VAL A 286 -8.16 -16.84 -5.91
N VAL A 287 -7.49 -16.16 -4.98
CA VAL A 287 -6.81 -16.76 -3.83
C VAL A 287 -7.71 -16.78 -2.60
N ALA A 288 -8.49 -15.72 -2.39
CA ALA A 288 -9.38 -15.62 -1.27
C ALA A 288 -10.47 -14.60 -1.61
N PHE A 289 -11.59 -14.70 -0.92
CA PHE A 289 -12.71 -13.79 -1.08
C PHE A 289 -13.23 -13.34 0.26
N GLN A 290 -13.55 -12.06 0.38
CA GLN A 290 -14.25 -11.54 1.55
C GLN A 290 -14.95 -10.28 1.06
N ASP A 291 -16.20 -10.08 1.48
CA ASP A 291 -16.96 -8.91 1.05
C ASP A 291 -16.55 -7.71 1.90
N THR A 292 -15.39 -7.16 1.54
CA THR A 292 -14.78 -6.07 2.26
C THR A 292 -13.94 -5.29 1.25
N ILE A 293 -13.72 -4.01 1.54
CA ILE A 293 -12.90 -3.16 0.67
C ILE A 293 -11.43 -3.35 1.07
N TRP A 294 -10.76 -4.22 0.35
CA TRP A 294 -9.33 -4.43 0.56
C TRP A 294 -8.56 -3.16 0.23
N ASP A 295 -7.36 -3.05 0.80
CA ASP A 295 -6.43 -1.97 0.45
C ASP A 295 -5.03 -2.51 0.16
N ASP A 296 -4.30 -2.97 1.17
CA ASP A 296 -3.00 -3.60 0.89
C ASP A 296 -2.82 -4.77 1.85
N PHE A 297 -1.70 -5.47 1.71
CA PHE A 297 -1.54 -6.76 2.35
C PHE A 297 -0.07 -7.11 2.37
N THR A 298 0.24 -8.19 3.08
CA THR A 298 1.59 -8.73 3.08
C THR A 298 1.48 -10.23 3.36
N PHE A 299 2.59 -10.95 3.13
CA PHE A 299 2.73 -12.32 3.57
C PHE A 299 3.54 -12.37 4.86
N GLY A 300 3.25 -13.38 5.68
CA GLY A 300 4.11 -13.68 6.81
C GLY A 300 3.37 -14.26 7.99
N PRO A 301 3.99 -14.24 9.17
CA PRO A 301 5.34 -13.70 9.41
C PRO A 301 6.46 -14.57 8.82
N GLU A 302 7.68 -14.02 8.78
CA GLU A 302 8.85 -14.71 8.28
C GLU A 302 8.52 -15.42 6.97
N HIS A 303 8.59 -16.75 6.91
CA HIS A 303 8.43 -17.42 5.63
C HIS A 303 7.03 -17.94 5.38
N GLU A 304 6.11 -17.74 6.32
CA GLU A 304 4.78 -18.33 6.26
C GLU A 304 3.96 -17.76 5.10
N ASP A 305 3.04 -18.59 4.59
CA ASP A 305 2.27 -18.30 3.38
C ASP A 305 0.99 -17.51 3.68
N THR A 306 0.72 -17.24 4.95
CA THR A 306 -0.49 -16.54 5.33
C THR A 306 -0.47 -15.14 4.73
N ILE A 307 -1.63 -14.69 4.24
CA ILE A 307 -1.80 -13.30 3.82
C ILE A 307 -2.46 -12.53 4.96
N TRP A 308 -1.90 -11.36 5.27
CA TRP A 308 -2.46 -10.43 6.25
C TRP A 308 -2.87 -9.20 5.47
N ALA A 309 -4.17 -8.86 5.50
CA ALA A 309 -4.70 -7.88 4.56
C ALA A 309 -5.59 -6.87 5.27
N THR A 310 -5.47 -5.60 4.88
CA THR A 310 -6.36 -4.60 5.45
C THR A 310 -7.67 -4.60 4.69
N GLY A 311 -8.77 -4.54 5.44
CA GLY A 311 -10.09 -4.40 4.86
C GLY A 311 -10.83 -3.20 5.42
N PHE A 312 -12.16 -3.30 5.48
CA PHE A 312 -12.98 -2.13 5.84
C PHE A 312 -12.97 -2.01 7.37
N ASN A 313 -12.13 -1.10 7.89
CA ASN A 313 -12.03 -0.85 9.33
C ASN A 313 -11.65 -2.12 10.11
N ALA A 314 -10.91 -3.01 9.48
CA ALA A 314 -10.61 -4.31 10.09
C ALA A 314 -9.41 -4.93 9.38
N ILE A 315 -8.78 -5.88 10.06
CA ILE A 315 -7.62 -6.62 9.56
C ILE A 315 -8.01 -8.08 9.44
N PHE A 316 -7.57 -8.72 8.36
CA PHE A 316 -7.94 -10.08 8.01
C PHE A 316 -6.71 -10.93 7.81
N ALA A 317 -6.82 -12.22 8.15
CA ALA A 317 -5.81 -13.19 7.79
C ALA A 317 -6.44 -14.20 6.84
N ALA A 318 -5.70 -14.58 5.80
CA ALA A 318 -6.23 -15.48 4.78
C ALA A 318 -5.26 -16.63 4.54
N SER A 319 -5.76 -17.86 4.65
CA SER A 319 -4.92 -19.03 4.41
C SER A 319 -4.73 -19.25 2.91
N PRO A 320 -3.68 -19.99 2.52
CA PRO A 320 -3.47 -20.27 1.10
C PRO A 320 -4.64 -21.01 0.45
N GLN A 321 -5.53 -21.62 1.25
CA GLN A 321 -6.69 -22.32 0.72
C GLN A 321 -7.94 -21.44 0.72
N GLY A 322 -7.81 -20.16 1.08
CA GLY A 322 -8.90 -19.23 1.01
C GLY A 322 -9.72 -19.05 2.27
N LYS A 323 -9.29 -19.58 3.41
CA LYS A 323 -10.01 -19.36 4.65
C LYS A 323 -9.67 -17.97 5.19
N VAL A 324 -10.69 -17.12 5.37
CA VAL A 324 -10.48 -15.75 5.82
C VAL A 324 -11.02 -15.59 7.23
N VAL A 325 -10.21 -14.98 8.09
CA VAL A 325 -10.55 -14.74 9.49
C VAL A 325 -10.32 -13.27 9.80
N THR A 326 -11.29 -12.65 10.50
CA THR A 326 -11.15 -11.28 10.97
C THR A 326 -10.37 -11.31 12.29
N VAL A 327 -9.20 -10.68 12.30
CA VAL A 327 -8.32 -10.78 13.47
C VAL A 327 -8.32 -9.51 14.32
N ASN A 328 -8.69 -8.36 13.76
CA ASN A 328 -8.69 -7.11 14.50
C ASN A 328 -9.71 -6.15 13.90
N GLY A 329 -10.14 -5.17 14.70
CA GLY A 329 -11.01 -4.11 14.22
C GLY A 329 -12.48 -4.53 14.21
N VAL A 330 -13.25 -3.91 13.31
CA VAL A 330 -14.69 -4.14 13.30
C VAL A 330 -14.97 -5.61 13.01
N GLY A 331 -15.93 -6.19 13.76
CA GLY A 331 -16.21 -7.60 13.68
C GLY A 331 -15.50 -8.41 14.75
N THR A 332 -14.72 -7.75 15.60
CA THR A 332 -14.15 -8.26 16.84
C THR A 332 -14.49 -7.28 17.97
N SER A 333 -14.11 -7.63 19.21
CA SER A 333 -14.30 -6.72 20.31
C SER A 333 -13.44 -5.46 20.21
N ASP A 334 -12.53 -5.37 19.23
CA ASP A 334 -11.87 -4.10 18.97
C ASP A 334 -12.87 -3.02 18.57
N ASN A 335 -13.98 -3.40 17.94
CA ASN A 335 -14.98 -2.48 17.41
C ASN A 335 -14.27 -1.47 16.50
N GLY A 336 -14.47 -0.17 16.69
CA GLY A 336 -13.94 0.81 15.77
C GLY A 336 -12.62 1.43 16.17
N ILE A 337 -11.76 0.67 16.85
CA ILE A 337 -10.53 1.27 17.34
C ILE A 337 -9.53 1.57 16.23
N MET A 338 -9.64 0.94 15.07
CA MET A 338 -8.67 1.17 13.98
C MET A 338 -9.42 1.48 12.69
N PRO A 339 -10.02 2.66 12.61
CA PRO A 339 -10.73 3.03 11.37
C PRO A 339 -9.75 3.34 10.24
N GLY A 340 -10.09 2.88 9.05
CA GLY A 340 -9.34 3.15 7.85
C GLY A 340 -7.90 2.63 7.83
N PRO A 341 -7.66 1.37 8.15
CA PRO A 341 -6.32 0.83 7.88
C PRO A 341 -6.06 0.89 6.38
N THR A 342 -4.80 1.14 6.02
CA THR A 342 -4.41 1.27 4.62
C THR A 342 -3.37 0.25 4.17
N ALA A 343 -2.50 -0.25 5.06
CA ALA A 343 -1.44 -1.16 4.60
C ALA A 343 -0.84 -1.82 5.83
N CYS A 344 0.01 -2.82 5.59
CA CYS A 344 0.58 -3.52 6.75
C CYS A 344 1.87 -4.23 6.35
N ALA A 345 2.78 -4.35 7.33
CA ALA A 345 4.06 -5.01 7.05
C ALA A 345 4.60 -5.55 8.36
N PHE A 346 5.29 -6.71 8.29
CA PHE A 346 5.88 -7.31 9.49
C PHE A 346 7.23 -6.70 9.87
N GLY A 347 7.51 -6.71 11.16
CA GLY A 347 8.82 -6.28 11.63
C GLY A 347 9.94 -7.15 11.07
N ARG A 348 11.13 -6.55 11.02
CA ARG A 348 12.29 -7.20 10.44
C ARG A 348 13.43 -7.39 11.44
N SER A 349 13.29 -6.92 12.68
CA SER A 349 14.34 -7.20 13.65
C SER A 349 14.18 -8.64 14.12
N PRO A 350 15.24 -9.24 14.68
CA PRO A 350 15.09 -10.62 15.16
C PRO A 350 14.19 -10.75 16.38
N HIS A 351 13.77 -9.63 16.97
CA HIS A 351 12.91 -9.62 18.14
C HIS A 351 11.53 -8.99 17.88
N ASP A 352 11.14 -8.76 16.60
CA ASP A 352 9.74 -8.33 16.34
C ASP A 352 9.22 -8.86 15.01
N ARG A 353 9.70 -10.04 14.58
CA ARG A 353 9.24 -10.59 13.31
C ARG A 353 7.75 -10.92 13.32
N ASN A 354 7.14 -11.19 14.48
CA ASN A 354 5.72 -11.53 14.51
C ASN A 354 4.82 -10.32 14.67
N ILE A 355 5.39 -9.12 14.76
CA ILE A 355 4.59 -7.89 14.92
C ILE A 355 4.21 -7.39 13.54
N LEU A 356 2.90 -7.23 13.30
CA LEU A 356 2.38 -6.66 12.06
C LEU A 356 2.13 -5.17 12.31
N TYR A 357 2.86 -4.31 11.61
CA TYR A 357 2.70 -2.87 11.73
C TYR A 357 1.70 -2.40 10.68
N VAL A 358 0.70 -1.63 11.10
CA VAL A 358 -0.47 -1.30 10.27
C VAL A 358 -0.54 0.22 10.16
N THR A 359 -0.64 0.71 8.92
CA THR A 359 -0.86 2.13 8.69
C THR A 359 -2.36 2.37 8.52
N GLY A 360 -2.76 3.63 8.77
CA GLY A 360 -4.17 3.98 8.59
C GLY A 360 -4.35 5.47 8.37
N ASN A 361 -5.59 5.83 8.00
CA ASN A 361 -5.81 7.23 7.62
C ASN A 361 -7.09 7.84 8.16
N MET A 362 -7.81 7.21 9.07
CA MET A 362 -9.01 7.85 9.60
C MET A 362 -8.97 7.98 11.12
N GLY A 363 -9.59 9.06 11.61
CA GLY A 363 -9.63 9.35 13.05
C GLY A 363 -10.89 8.79 13.69
N GLU A 364 -11.91 8.52 12.87
CA GLU A 364 -13.16 7.92 13.31
C GLU A 364 -13.71 7.05 12.18
N ILE A 365 -14.59 6.12 12.54
CA ILE A 365 -15.33 5.36 11.55
C ILE A 365 -16.24 6.30 10.77
N PRO A 366 -16.11 6.41 9.46
CA PRO A 366 -16.92 7.39 8.73
C PRO A 366 -18.34 6.91 8.47
N VAL A 367 -19.28 7.86 8.51
CA VAL A 367 -20.67 7.56 8.15
C VAL A 367 -20.76 7.10 6.69
N ASP A 368 -20.08 7.83 5.81
CA ASP A 368 -19.98 7.50 4.40
C ASP A 368 -18.73 8.20 3.89
N ILE A 369 -18.37 7.91 2.63
CA ILE A 369 -17.12 8.47 2.14
C ILE A 369 -17.16 9.98 1.92
N GLU A 370 -18.34 10.62 1.95
CA GLU A 370 -18.39 12.08 1.85
C GLU A 370 -18.20 12.79 3.19
N HIS A 371 -18.04 12.05 4.29
CA HIS A 371 -17.84 12.66 5.62
C HIS A 371 -16.71 11.99 6.37
N VAL A 372 -15.56 11.83 5.70
CA VAL A 372 -14.40 11.19 6.29
C VAL A 372 -13.64 12.19 7.14
N HIS A 373 -13.25 11.78 8.35
CA HIS A 373 -12.37 12.55 9.20
C HIS A 373 -10.98 11.92 9.11
N LEU A 374 -10.12 12.48 8.25
CA LEU A 374 -8.79 11.90 8.07
C LEU A 374 -7.94 12.10 9.32
N LYS A 375 -7.15 11.07 9.65
CA LYS A 375 -6.10 11.20 10.66
C LYS A 375 -5.16 10.03 10.48
N GLY A 376 -3.89 10.31 10.22
CA GLY A 376 -2.94 9.23 9.98
C GLY A 376 -2.56 8.55 11.28
N TRP A 377 -2.27 7.25 11.20
CA TRP A 377 -1.82 6.51 12.38
C TRP A 377 -1.04 5.29 11.98
N VAL A 378 -0.26 4.77 12.95
CA VAL A 378 0.39 3.47 12.82
C VAL A 378 0.13 2.71 14.11
N ARG A 379 -0.29 1.47 13.97
CA ARG A 379 -0.54 0.55 15.09
C ARG A 379 0.33 -0.68 14.90
N ALA A 380 0.46 -1.47 15.98
CA ALA A 380 1.21 -2.71 15.93
C ALA A 380 0.35 -3.84 16.47
N ILE A 381 0.26 -4.92 15.71
CA ILE A 381 -0.54 -6.10 16.08
C ILE A 381 0.41 -7.27 16.33
N ASP A 382 0.26 -7.92 17.47
CA ASP A 382 1.12 -9.07 17.77
C ASP A 382 0.44 -10.35 17.29
N THR A 383 0.98 -10.95 16.23
CA THR A 383 0.37 -12.14 15.63
C THR A 383 0.88 -13.43 16.25
N THR A 384 1.72 -13.35 17.29
CA THR A 384 2.32 -14.54 17.87
C THR A 384 1.24 -15.57 18.22
N GLY A 385 1.43 -16.78 17.72
CA GLY A 385 0.56 -17.88 18.05
C GLY A 385 -0.65 -18.01 17.16
N PHE A 386 -0.81 -17.12 16.20
CA PHE A 386 -1.90 -17.28 15.23
C PHE A 386 -1.48 -18.33 14.22
N HIS A 387 -2.40 -19.23 13.89
CA HIS A 387 -2.11 -20.28 12.92
C HIS A 387 -3.41 -20.81 12.34
N PHE A 388 -3.31 -21.35 11.13
CA PHE A 388 -4.44 -21.95 10.44
C PHE A 388 -4.43 -23.48 10.58
#